data_4YC0
#
_entry.id   4YC0
#
_cell.length_a   48.230
_cell.length_b   52.160
_cell.length_c   101.600
_cell.angle_alpha   90.00
_cell.angle_beta   90.00
_cell.angle_gamma   90.00
#
_symmetry.space_group_name_H-M   'P 21 21 21'
#
loop_
_entity.id
_entity.type
_entity.pdbx_description
1 polymer 'Putative NAD(+)--arginine ADP-ribosyltransferase Vis'
2 non-polymer '2-(4-oxidanylidene-3~{H}-phthalazin-1-yl)ethanoic acid'
3 water water
#
_entity_poly.entity_id   1
_entity_poly.type   'polypeptide(L)'
_entity_poly.pdbx_seq_one_letter_code
;MHHHHHHSSGRENLYFQGPFDAIKQPNRSEEEVTQLAEDFKDWSKASNGWRYSFITANEKEAVEDFSISGYQTANDYLRA
TDTSTWGVAGADARQYIRTVKSALNKLPKYKGTAYRGTWVKLSLLNKLEEGDVLVEPAFTSTSTLPEVAKRFSVVHPNSP
QRLKRVLFEVKINQGGHTIAGLSEYSKEAEVLFAPNAHFRITQIERTSNHTYIGVETVKASAVKNTQKYNLYSGEEVEA
;
_entity_poly.pdbx_strand_id   A
#
loop_
_chem_comp.id
_chem_comp.type
_chem_comp.name
_chem_comp.formula
5OF non-polymer '2-(4-oxidanylidene-3~{H}-phthalazin-1-yl)ethanoic acid' 'C10 H8 N2 O3'
#
# COMPACT_ATOMS: atom_id res chain seq x y z
N GLY A 18 -24.43 4.29 3.19
CA GLY A 18 -23.39 5.08 3.81
C GLY A 18 -22.01 4.84 3.20
N PRO A 19 -21.66 5.60 2.16
CA PRO A 19 -20.37 5.36 1.50
C PRO A 19 -19.24 5.63 2.47
N PHE A 20 -18.32 4.70 2.52
CA PHE A 20 -17.10 4.74 3.32
C PHE A 20 -17.38 4.62 4.81
N ASP A 21 -18.58 4.22 5.23
CA ASP A 21 -18.81 4.10 6.66
C ASP A 21 -17.93 3.02 7.31
N ALA A 22 -17.44 2.03 6.55
CA ALA A 22 -16.51 1.06 7.14
C ALA A 22 -15.28 1.77 7.66
N ILE A 23 -14.88 2.86 7.01
CA ILE A 23 -13.76 3.70 7.44
C ILE A 23 -14.18 4.69 8.52
N LYS A 24 -15.28 5.40 8.28
CA LYS A 24 -15.64 6.50 9.17
C LYS A 24 -16.01 6.02 10.56
N GLN A 25 -16.63 4.86 10.65
CA GLN A 25 -17.30 4.47 11.87
C GLN A 25 -16.30 4.19 12.99
N PRO A 26 -16.75 4.25 14.22
CA PRO A 26 -15.87 3.93 15.33
C PRO A 26 -15.18 2.58 15.17
N ASN A 27 -13.96 2.51 15.69
CA ASN A 27 -13.18 1.31 15.62
C ASN A 27 -13.78 0.18 16.43
N ARG A 28 -13.55 -1.04 15.96
CA ARG A 28 -13.86 -2.21 16.77
C ARG A 28 -12.89 -2.31 17.96
N SER A 29 -13.25 -3.16 18.91
CA SER A 29 -12.40 -3.37 20.07
C SER A 29 -11.04 -3.94 19.71
N GLU A 30 -10.06 -3.72 20.61
CA GLU A 30 -8.74 -4.34 20.46
C GLU A 30 -8.85 -5.85 20.35
N GLU A 31 -9.70 -6.46 21.20
CA GLU A 31 -9.86 -7.91 21.18
C GLU A 31 -10.28 -8.38 19.80
N GLU A 32 -11.30 -7.73 19.21
CA GLU A 32 -11.78 -8.17 17.91
C GLU A 32 -10.74 -7.90 16.82
N VAL A 33 -10.13 -6.72 16.82
CA VAL A 33 -9.17 -6.39 15.77
C VAL A 33 -7.98 -7.33 15.86
N THR A 34 -7.52 -7.61 17.08
CA THR A 34 -6.39 -8.52 17.24
C THR A 34 -6.76 -9.92 16.77
N GLN A 35 -7.96 -10.39 17.10
CA GLN A 35 -8.40 -11.70 16.63
C GLN A 35 -8.47 -11.74 15.12
N LEU A 36 -9.04 -10.70 14.51
CA LEU A 36 -9.13 -10.68 13.04
C LEU A 36 -7.74 -10.70 12.42
N ALA A 37 -6.80 -9.96 12.99
CA ALA A 37 -5.44 -9.95 12.46
C ALA A 37 -4.77 -11.31 12.63
N GLU A 38 -5.02 -11.98 13.76
CA GLU A 38 -4.47 -13.32 13.97
C GLU A 38 -5.09 -14.32 12.99
N ASP A 39 -6.40 -14.23 12.77
CA ASP A 39 -7.07 -15.09 11.80
C ASP A 39 -6.47 -14.87 10.41
N PHE A 40 -6.18 -13.62 10.08
CA PHE A 40 -5.66 -13.32 8.76
C PHE A 40 -4.24 -13.86 8.61
N LYS A 41 -3.44 -13.76 9.67
CA LYS A 41 -2.11 -14.38 9.66
C LYS A 41 -2.22 -15.89 9.49
N ASP A 42 -3.14 -16.53 10.22
CA ASP A 42 -3.33 -17.97 10.11
C ASP A 42 -3.78 -18.36 8.71
N TRP A 43 -4.74 -17.61 8.15
CA TRP A 43 -5.20 -17.87 6.79
C TRP A 43 -4.05 -17.72 5.80
N SER A 44 -3.21 -16.69 6.00
CA SER A 44 -2.10 -16.45 5.08
C SER A 44 -1.16 -17.66 5.04
N LYS A 45 -0.76 -18.14 6.20
CA LYS A 45 0.09 -19.32 6.29
C LYS A 45 -0.58 -20.55 5.67
N ALA A 46 -1.87 -20.74 5.93
CA ALA A 46 -2.58 -21.92 5.43
C ALA A 46 -2.76 -21.87 3.92
N SER A 47 -2.59 -20.71 3.31
CA SER A 47 -2.77 -20.50 1.88
C SER A 47 -1.47 -20.55 1.10
N ASN A 48 -0.33 -20.72 1.77
CA ASN A 48 0.93 -20.84 1.06
C ASN A 48 0.82 -21.98 0.04
N GLY A 49 1.21 -21.69 -1.20
CA GLY A 49 1.15 -22.65 -2.28
C GLY A 49 2.52 -23.18 -2.68
N TRP A 50 2.54 -23.90 -3.80
CA TRP A 50 3.78 -24.53 -4.23
C TRP A 50 4.89 -23.49 -4.46
N ARG A 51 4.53 -22.27 -4.86
CA ARG A 51 5.54 -21.25 -5.06
C ARG A 51 6.27 -20.94 -3.76
N TYR A 52 5.59 -21.10 -2.62
CA TYR A 52 6.21 -20.80 -1.33
C TYR A 52 7.36 -21.75 -1.03
N SER A 53 7.36 -22.94 -1.60
CA SER A 53 8.45 -23.87 -1.31
C SER A 53 9.78 -23.36 -1.84
N PHE A 54 9.78 -22.32 -2.67
CA PHE A 54 10.99 -21.74 -3.22
C PHE A 54 11.44 -20.47 -2.50
N ILE A 55 10.78 -20.10 -1.40
CA ILE A 55 11.18 -18.89 -0.70
C ILE A 55 12.50 -19.13 0.02
N THR A 56 13.35 -18.10 0.08
CA THR A 56 14.69 -18.22 0.63
C THR A 56 14.75 -17.61 2.02
N ALA A 57 15.85 -17.92 2.72
CA ALA A 57 16.07 -17.31 4.02
C ALA A 57 16.14 -15.79 3.92
N ASN A 58 16.84 -15.29 2.89
CA ASN A 58 16.98 -13.84 2.78
C ASN A 58 15.64 -13.19 2.49
N GLU A 59 14.79 -13.85 1.72
CA GLU A 59 13.46 -13.33 1.43
C GLU A 59 12.60 -13.28 2.69
N LYS A 60 12.65 -14.32 3.52
CA LYS A 60 11.91 -14.27 4.78
C LYS A 60 12.43 -13.17 5.69
N GLU A 61 13.74 -13.04 5.82
CA GLU A 61 14.31 -11.97 6.66
C GLU A 61 13.83 -10.62 6.14
N ALA A 62 13.82 -10.44 4.83
CA ALA A 62 13.46 -9.15 4.26
C ALA A 62 11.98 -8.84 4.50
N VAL A 63 11.09 -9.82 4.31
CA VAL A 63 9.66 -9.56 4.49
C VAL A 63 9.32 -9.37 5.97
N GLU A 64 9.93 -10.18 6.87
CA GLU A 64 9.60 -10.15 8.29
C GLU A 64 9.90 -8.80 8.93
N ASP A 65 10.84 -8.04 8.38
CA ASP A 65 11.20 -6.75 8.98
C ASP A 65 10.77 -5.59 8.09
N PHE A 66 10.01 -5.87 7.04
CA PHE A 66 9.54 -4.84 6.12
C PHE A 66 8.69 -3.81 6.84
N SER A 67 7.72 -4.26 7.65
CA SER A 67 6.71 -3.36 8.23
C SER A 67 7.27 -2.45 9.32
N ILE A 68 8.28 -2.90 10.06
CA ILE A 68 8.84 -2.09 11.15
C ILE A 68 9.83 -1.07 10.61
N SER A 69 10.73 -1.48 9.72
CA SER A 69 11.75 -0.56 9.26
C SER A 69 12.06 -0.66 7.77
N GLY A 70 12.03 -1.85 7.18
CA GLY A 70 12.50 -1.99 5.81
C GLY A 70 11.77 -1.10 4.81
N TYR A 71 10.46 -0.95 4.97
CA TYR A 71 9.68 -0.14 4.04
C TYR A 71 10.16 1.30 4.02
N GLN A 72 10.71 1.80 5.14
CA GLN A 72 11.09 3.21 5.22
C GLN A 72 12.20 3.52 4.24
N THR A 73 13.25 2.69 4.23
CA THR A 73 14.33 2.88 3.27
C THR A 73 13.89 2.51 1.86
N ALA A 74 13.19 1.38 1.69
CA ALA A 74 12.83 0.96 0.34
C ALA A 74 11.96 2.00 -0.34
N ASN A 75 10.96 2.51 0.38
CA ASN A 75 10.04 3.48 -0.23
C ASN A 75 10.72 4.82 -0.49
N ASP A 76 11.66 5.23 0.36
CA ASP A 76 12.41 6.45 0.06
C ASP A 76 13.24 6.29 -1.21
N TYR A 77 13.90 5.14 -1.38
CA TYR A 77 14.65 4.91 -2.60
C TYR A 77 13.74 4.99 -3.83
N LEU A 78 12.56 4.37 -3.74
CA LEU A 78 11.67 4.32 -4.88
C LEU A 78 11.06 5.68 -5.22
N ARG A 79 10.95 6.58 -4.24
CA ARG A 79 10.45 7.93 -4.45
C ARG A 79 11.54 8.95 -4.75
N ALA A 80 12.81 8.55 -4.70
CA ALA A 80 13.91 9.50 -4.81
C ALA A 80 13.93 10.15 -6.18
N THR A 81 14.19 11.46 -6.19
CA THR A 81 14.30 12.16 -7.46
C THR A 81 15.51 11.70 -8.25
N ASP A 82 16.61 11.38 -7.57
CA ASP A 82 17.84 10.95 -8.23
C ASP A 82 18.55 9.94 -7.33
N THR A 83 18.54 8.66 -7.73
CA THR A 83 19.11 7.64 -6.87
C THR A 83 20.62 7.56 -6.95
N SER A 84 21.26 8.23 -7.92
CA SER A 84 22.72 8.25 -7.92
C SER A 84 23.25 8.99 -6.70
N THR A 85 22.44 9.82 -6.06
CA THR A 85 22.82 10.53 -4.85
C THR A 85 22.85 9.65 -3.61
N TRP A 86 22.45 8.38 -3.71
CA TRP A 86 22.41 7.52 -2.54
C TRP A 86 23.73 6.84 -2.23
N GLY A 87 24.67 6.84 -3.15
CA GLY A 87 25.93 6.21 -2.84
C GLY A 87 25.78 4.72 -2.59
N VAL A 88 26.61 4.22 -1.67
CA VAL A 88 26.64 2.78 -1.42
C VAL A 88 25.29 2.30 -0.88
N ALA A 89 24.59 3.15 -0.14
CA ALA A 89 23.32 2.70 0.39
C ALA A 89 22.36 2.33 -0.71
N GLY A 90 22.52 2.93 -1.90
CA GLY A 90 21.64 2.60 -3.01
C GLY A 90 21.76 1.15 -3.45
N ALA A 91 22.99 0.60 -3.43
CA ALA A 91 23.14 -0.80 -3.79
C ALA A 91 22.38 -1.70 -2.82
N ASP A 92 22.46 -1.40 -1.53
CA ASP A 92 21.72 -2.15 -0.53
C ASP A 92 20.21 -2.02 -0.75
N ALA A 93 19.74 -0.80 -1.04
CA ALA A 93 18.32 -0.58 -1.24
C ALA A 93 17.83 -1.34 -2.47
N ARG A 94 18.62 -1.34 -3.55
CA ARG A 94 18.19 -2.08 -4.74
C ARG A 94 18.12 -3.56 -4.46
N GLN A 95 19.08 -4.10 -3.70
CA GLN A 95 19.06 -5.50 -3.34
C GLN A 95 17.82 -5.81 -2.50
N TYR A 96 17.54 -4.98 -1.50
CA TYR A 96 16.39 -5.22 -0.63
C TYR A 96 15.08 -5.19 -1.40
N ILE A 97 14.93 -4.22 -2.30
CA ILE A 97 13.71 -4.11 -3.10
C ILE A 97 13.54 -5.33 -3.99
N ARG A 98 14.60 -5.75 -4.67
CA ARG A 98 14.54 -6.94 -5.50
C ARG A 98 14.15 -8.16 -4.68
N THR A 99 14.68 -8.28 -3.47
CA THR A 99 14.40 -9.44 -2.62
C THR A 99 12.94 -9.44 -2.17
N VAL A 100 12.41 -8.29 -1.76
CA VAL A 100 11.01 -8.23 -1.33
C VAL A 100 10.10 -8.54 -2.51
N LYS A 101 10.41 -7.99 -3.69
CA LYS A 101 9.58 -8.26 -4.87
C LYS A 101 9.60 -9.73 -5.23
N SER A 102 10.75 -10.38 -5.12
CA SER A 102 10.82 -11.81 -5.42
C SER A 102 10.01 -12.61 -4.41
N ALA A 103 10.11 -12.25 -3.14
CA ALA A 103 9.34 -12.91 -2.09
C ALA A 103 7.84 -12.76 -2.32
N LEU A 104 7.38 -11.56 -2.68
CA LEU A 104 5.95 -11.32 -2.88
C LEU A 104 5.31 -12.28 -3.85
N ASN A 105 5.99 -12.56 -4.96
CA ASN A 105 5.41 -13.44 -5.96
C ASN A 105 5.35 -14.88 -5.49
N LYS A 106 5.96 -15.22 -4.36
CA LYS A 106 5.88 -16.55 -3.77
C LYS A 106 4.86 -16.65 -2.63
N LEU A 107 4.23 -15.55 -2.29
CA LEU A 107 3.26 -15.48 -1.20
C LEU A 107 1.84 -15.47 -1.73
N PRO A 108 0.88 -15.87 -0.89
CA PRO A 108 -0.50 -15.95 -1.35
C PRO A 108 -1.04 -14.60 -1.79
N LYS A 109 -1.83 -14.61 -2.85
CA LYS A 109 -2.62 -13.47 -3.25
C LYS A 109 -3.74 -13.23 -2.25
N TYR A 110 -4.12 -11.95 -2.15
CA TYR A 110 -5.34 -11.54 -1.46
C TYR A 110 -6.19 -10.80 -2.46
N LYS A 111 -7.49 -11.14 -2.53
CA LYS A 111 -8.45 -10.34 -3.30
C LYS A 111 -9.65 -10.11 -2.41
N GLY A 112 -10.24 -8.95 -2.56
CA GLY A 112 -11.23 -8.46 -1.64
C GLY A 112 -10.96 -7.01 -1.35
N THR A 113 -11.48 -6.52 -0.26
CA THR A 113 -11.33 -5.12 0.10
C THR A 113 -10.21 -4.95 1.14
N ALA A 114 -9.44 -3.90 0.95
CA ALA A 114 -8.42 -3.50 1.90
C ALA A 114 -8.44 -1.99 2.02
N TYR A 115 -7.62 -1.48 2.92
CA TYR A 115 -7.66 -0.07 3.29
C TYR A 115 -6.25 0.49 3.40
N ARG A 116 -6.09 1.77 3.10
CA ARG A 116 -4.81 2.44 3.21
C ARG A 116 -5.01 3.86 3.68
N GLY A 117 -4.33 4.23 4.75
CA GLY A 117 -4.32 5.60 5.20
C GLY A 117 -3.02 6.27 4.83
N THR A 118 -3.11 7.51 4.37
CA THR A 118 -1.92 8.22 3.98
C THR A 118 -2.23 9.71 3.91
N TRP A 119 -1.30 10.47 3.37
CA TRP A 119 -1.43 11.90 3.19
C TRP A 119 -1.12 12.20 1.74
N VAL A 120 -1.92 13.07 1.13
CA VAL A 120 -1.78 13.40 -0.28
C VAL A 120 -1.82 14.91 -0.42
N LYS A 121 -1.09 15.42 -1.39
CA LYS A 121 -1.10 16.84 -1.70
C LYS A 121 -2.50 17.31 -2.05
N LEU A 122 -2.92 18.40 -1.42
CA LEU A 122 -4.21 19.01 -1.75
C LEU A 122 -4.27 19.37 -3.23
N SER A 123 -3.14 19.82 -3.80
CA SER A 123 -3.12 20.23 -5.20
C SER A 123 -3.44 19.08 -6.13
N LEU A 124 -3.04 17.84 -5.77
CA LEU A 124 -3.42 16.67 -6.55
C LEU A 124 -4.86 16.30 -6.30
N LEU A 125 -5.27 16.27 -5.03
CA LEU A 125 -6.63 15.88 -4.68
C LEU A 125 -7.65 16.73 -5.41
N ASN A 126 -7.39 18.03 -5.55
CA ASN A 126 -8.38 18.91 -6.18
C ASN A 126 -8.58 18.58 -7.65
N LYS A 127 -7.66 17.85 -8.27
CA LYS A 127 -7.81 17.48 -9.67
C LYS A 127 -8.55 16.17 -9.88
N LEU A 128 -8.65 15.34 -8.85
CA LEU A 128 -9.02 13.95 -9.07
C LEU A 128 -10.49 13.76 -9.39
N GLU A 129 -10.76 12.85 -10.31
CA GLU A 129 -12.11 12.46 -10.69
C GLU A 129 -12.21 10.94 -10.76
N GLU A 130 -13.42 10.43 -10.66
CA GLU A 130 -13.67 9.03 -10.98
C GLU A 130 -13.06 8.72 -12.33
N GLY A 131 -12.40 7.56 -12.42
CA GLY A 131 -11.77 7.06 -13.63
C GLY A 131 -10.33 7.44 -13.79
N ASP A 132 -9.85 8.42 -13.02
CA ASP A 132 -8.43 8.70 -13.01
C ASP A 132 -7.69 7.52 -12.37
N VAL A 133 -6.40 7.41 -12.72
CA VAL A 133 -5.57 6.32 -12.20
C VAL A 133 -4.44 6.91 -11.38
N LEU A 134 -4.29 6.39 -10.18
CA LEU A 134 -3.24 6.77 -9.25
C LEU A 134 -2.14 5.74 -9.28
N VAL A 135 -0.90 6.21 -9.39
CA VAL A 135 0.28 5.35 -9.48
C VAL A 135 1.12 5.56 -8.24
N GLU A 136 1.39 4.48 -7.50
CA GLU A 136 2.21 4.57 -6.31
C GLU A 136 3.63 4.15 -6.65
N PRO A 137 4.61 5.05 -6.63
CA PRO A 137 5.99 4.64 -6.97
C PRO A 137 6.63 3.72 -5.95
N ALA A 138 6.28 3.85 -4.68
CA ALA A 138 6.81 2.98 -3.66
C ALA A 138 6.02 1.67 -3.61
N PHE A 139 6.40 0.78 -2.70
CA PHE A 139 5.51 -0.31 -2.36
C PHE A 139 4.19 0.27 -1.84
N THR A 140 3.09 -0.43 -2.08
CA THR A 140 1.80 -0.02 -1.53
C THR A 140 1.44 -1.00 -0.41
N SER A 141 1.40 -0.50 0.83
CA SER A 141 0.99 -1.28 1.98
C SER A 141 -0.46 -0.96 2.31
N THR A 142 -1.25 -1.99 2.54
CA THR A 142 -2.66 -1.88 2.90
C THR A 142 -2.92 -2.84 4.04
N SER A 143 -4.06 -2.66 4.71
CA SER A 143 -4.53 -3.59 5.73
C SER A 143 -5.95 -4.01 5.39
N THR A 144 -6.31 -5.24 5.74
CA THR A 144 -7.72 -5.60 5.61
C THR A 144 -8.57 -4.93 6.67
N LEU A 145 -7.95 -4.31 7.67
CA LEU A 145 -8.64 -3.70 8.81
C LEU A 145 -8.60 -2.19 8.68
N PRO A 146 -9.74 -1.51 8.58
CA PRO A 146 -9.68 -0.04 8.51
C PRO A 146 -9.09 0.59 9.76
N GLU A 147 -9.22 -0.05 10.92
CA GLU A 147 -8.60 0.47 12.13
C GLU A 147 -7.10 0.62 11.95
N VAL A 148 -6.46 -0.34 11.30
CA VAL A 148 -5.01 -0.28 11.14
C VAL A 148 -4.64 0.81 10.14
N ALA A 149 -5.36 0.85 9.01
CA ALA A 149 -5.10 1.87 8.01
C ALA A 149 -5.19 3.28 8.59
N LYS A 150 -6.20 3.55 9.43
CA LYS A 150 -6.35 4.89 9.95
C LYS A 150 -5.17 5.31 10.82
N ARG A 151 -4.45 4.37 11.41
CA ARG A 151 -3.29 4.72 12.21
C ARG A 151 -2.23 5.46 11.43
N PHE A 152 -2.22 5.34 10.11
CA PHE A 152 -1.22 5.98 9.27
C PHE A 152 -1.71 7.30 8.68
N SER A 153 -2.81 7.81 9.21
CA SER A 153 -3.40 9.07 8.77
C SER A 153 -3.36 10.12 9.87
N VAL A 154 -2.57 9.89 10.92
CA VAL A 154 -2.68 10.71 12.12
C VAL A 154 -1.70 11.87 12.12
N VAL A 155 -0.45 11.67 11.67
CA VAL A 155 0.57 12.72 11.57
C VAL A 155 1.35 12.55 10.27
N HIS A 156 2.05 13.61 9.88
CA HIS A 156 2.93 13.60 8.71
C HIS A 156 4.17 14.44 9.01
N PRO A 157 5.28 14.16 8.33
CA PRO A 157 6.45 15.03 8.47
C PRO A 157 6.21 16.39 7.83
N ASN A 158 7.12 17.31 8.14
CA ASN A 158 7.02 18.67 7.65
C ASN A 158 6.80 18.71 6.14
N SER A 159 5.88 19.58 5.71
CA SER A 159 5.55 19.71 4.30
C SER A 159 5.27 21.17 3.97
N PRO A 160 5.99 21.77 3.02
CA PRO A 160 5.64 23.14 2.60
C PRO A 160 4.34 23.19 1.82
N GLN A 161 3.97 22.11 1.16
CA GLN A 161 2.70 22.01 0.44
C GLN A 161 1.65 21.41 1.36
N ARG A 162 0.42 21.92 1.26
CA ARG A 162 -0.63 21.43 2.12
C ARG A 162 -0.93 19.97 1.80
N LEU A 163 -0.85 19.13 2.81
CA LEU A 163 -1.24 17.73 2.70
C LEU A 163 -2.55 17.51 3.43
N LYS A 164 -3.33 16.57 2.91
CA LYS A 164 -4.61 16.22 3.51
C LYS A 164 -4.65 14.73 3.82
N ARG A 165 -5.40 14.39 4.87
CA ARG A 165 -5.63 13.00 5.24
C ARG A 165 -6.46 12.32 4.15
N VAL A 166 -6.02 11.17 3.68
CA VAL A 166 -6.76 10.39 2.69
C VAL A 166 -6.88 8.96 3.19
N LEU A 167 -8.09 8.45 3.17
CA LEU A 167 -8.38 7.07 3.49
C LEU A 167 -8.88 6.39 2.23
N PHE A 168 -8.13 5.41 1.75
CA PHE A 168 -8.49 4.63 0.58
C PHE A 168 -9.24 3.37 0.98
N GLU A 169 -10.31 3.09 0.26
CA GLU A 169 -10.97 1.79 0.26
C GLU A 169 -10.59 1.11 -1.06
N VAL A 170 -9.79 0.06 -0.96
CA VAL A 170 -9.16 -0.55 -2.13
C VAL A 170 -9.86 -1.85 -2.47
N LYS A 171 -10.43 -1.94 -3.65
CA LYS A 171 -10.90 -3.22 -4.18
C LYS A 171 -9.74 -3.89 -4.90
N ILE A 172 -9.32 -5.03 -4.40
CA ILE A 172 -8.14 -5.73 -4.91
C ILE A 172 -8.61 -6.92 -5.73
N ASN A 173 -8.31 -6.90 -7.03
CA ASN A 173 -8.55 -8.07 -7.88
C ASN A 173 -7.30 -8.58 -8.57
N GLN A 174 -6.14 -8.06 -8.17
CA GLN A 174 -4.84 -8.43 -8.73
C GLN A 174 -3.77 -7.70 -7.93
N GLY A 175 -2.53 -8.18 -8.02
CA GLY A 175 -1.38 -7.48 -7.51
C GLY A 175 -1.09 -7.59 -6.03
N GLY A 176 -2.11 -7.76 -5.19
CA GLY A 176 -1.90 -7.76 -3.75
C GLY A 176 -1.54 -9.14 -3.24
N HIS A 177 -0.53 -9.20 -2.37
CA HIS A 177 -0.15 -10.44 -1.71
C HIS A 177 -0.10 -10.22 -0.21
N THR A 178 -0.58 -11.20 0.54
CA THR A 178 -0.51 -11.08 1.99
C THR A 178 0.92 -11.32 2.45
N ILE A 179 1.42 -10.43 3.30
CA ILE A 179 2.67 -10.66 4.02
C ILE A 179 2.41 -10.96 5.48
N ALA A 180 1.13 -11.11 5.86
CA ALA A 180 0.80 -11.30 7.27
C ALA A 180 1.31 -12.62 7.82
N GLY A 181 1.48 -13.64 6.95
CA GLY A 181 2.00 -14.91 7.40
C GLY A 181 3.46 -14.87 7.80
N LEU A 182 4.21 -13.92 7.24
CA LEU A 182 5.62 -13.79 7.58
C LEU A 182 5.90 -12.67 8.57
N SER A 183 4.95 -11.76 8.78
CA SER A 183 5.10 -10.63 9.70
C SER A 183 4.75 -11.09 11.12
N GLU A 184 5.69 -11.83 11.70
CA GLU A 184 5.50 -12.32 13.07
C GLU A 184 5.48 -11.17 14.07
N TYR A 185 6.20 -10.09 13.79
CA TYR A 185 6.46 -9.03 14.75
C TYR A 185 5.54 -7.84 14.56
N SER A 186 4.57 -7.92 13.63
CA SER A 186 3.60 -6.85 13.44
C SER A 186 2.31 -7.45 12.94
N LYS A 187 1.22 -7.27 13.71
CA LYS A 187 -0.09 -7.86 13.39
C LYS A 187 -1.00 -6.76 12.81
N GLU A 188 -0.77 -6.47 11.55
CA GLU A 188 -1.41 -5.39 10.80
C GLU A 188 -2.31 -5.89 9.67
N ALA A 189 -2.52 -7.19 9.56
CA ALA A 189 -3.32 -7.79 8.49
C ALA A 189 -2.93 -7.21 7.13
N GLU A 190 -1.64 -7.25 6.84
CA GLU A 190 -1.06 -6.44 5.78
C GLU A 190 -1.02 -7.17 4.44
N VAL A 191 -1.50 -6.46 3.41
CA VAL A 191 -1.48 -6.88 2.02
C VAL A 191 -0.61 -5.87 1.27
N LEU A 192 0.41 -6.37 0.60
CA LEU A 192 1.45 -5.55 -0.01
C LEU A 192 1.42 -5.67 -1.54
N PHE A 193 1.71 -4.56 -2.20
CA PHE A 193 1.88 -4.47 -3.65
C PHE A 193 3.32 -4.10 -3.96
N ALA A 194 3.84 -4.70 -5.02
CA ALA A 194 5.11 -4.30 -5.59
C ALA A 194 5.04 -2.83 -6.05
N PRO A 195 6.19 -2.20 -6.25
CA PRO A 195 6.20 -0.80 -6.66
C PRO A 195 5.48 -0.54 -7.97
N ASN A 196 5.04 0.72 -8.12
CA ASN A 196 4.37 1.22 -9.32
CA ASN A 196 4.39 1.18 -9.35
C ASN A 196 2.98 0.61 -9.53
N ALA A 197 2.29 0.27 -8.44
CA ALA A 197 0.93 -0.24 -8.57
C ALA A 197 -0.02 0.87 -9.00
N HIS A 198 -0.97 0.50 -9.86
CA HIS A 198 -1.96 1.41 -10.41
C HIS A 198 -3.32 1.12 -9.82
N PHE A 199 -4.05 2.20 -9.52
CA PHE A 199 -5.36 2.13 -8.88
C PHE A 199 -6.32 3.10 -9.56
N ARG A 200 -7.44 2.60 -10.05
CA ARG A 200 -8.42 3.44 -10.72
C ARG A 200 -9.46 3.91 -9.71
N ILE A 201 -9.71 5.22 -9.70
CA ILE A 201 -10.68 5.81 -8.78
C ILE A 201 -12.10 5.42 -9.20
N THR A 202 -12.86 4.87 -8.25
CA THR A 202 -14.26 4.55 -8.49
C THR A 202 -15.22 5.48 -7.75
N GLN A 203 -14.75 6.18 -6.72
CA GLN A 203 -15.63 7.07 -5.98
C GLN A 203 -14.75 7.98 -5.11
N ILE A 204 -15.16 9.23 -4.94
CA ILE A 204 -14.45 10.21 -4.12
C ILE A 204 -15.47 10.92 -3.26
N GLU A 205 -15.14 11.08 -1.99
CA GLU A 205 -15.91 11.92 -1.07
C GLU A 205 -14.96 12.85 -0.33
N ARG A 206 -15.25 14.14 -0.38
CA ARG A 206 -14.52 15.16 0.37
C ARG A 206 -15.48 15.69 1.45
N THR A 207 -15.21 15.40 2.74
CA THR A 207 -16.13 15.73 3.83
C THR A 207 -15.39 16.03 5.11
N SER A 208 -15.75 17.15 5.74
CA SER A 208 -15.25 17.52 7.08
C SER A 208 -13.73 17.43 7.15
N ASN A 209 -13.07 17.96 6.12
CA ASN A 209 -11.60 18.04 6.04
C ASN A 209 -10.92 16.69 5.80
N HIS A 210 -11.69 15.63 5.59
CA HIS A 210 -11.13 14.32 5.26
C HIS A 210 -11.49 13.99 3.83
N THR A 211 -10.68 13.17 3.18
CA THR A 211 -10.97 12.73 1.83
C THR A 211 -10.96 11.21 1.80
N TYR A 212 -12.02 10.64 1.24
CA TYR A 212 -12.19 9.20 1.12
C TYR A 212 -12.19 8.85 -0.36
N ILE A 213 -11.37 7.89 -0.76
CA ILE A 213 -11.26 7.53 -2.17
C ILE A 213 -11.43 6.02 -2.31
N GLY A 214 -12.41 5.60 -3.11
CA GLY A 214 -12.51 4.20 -3.50
C GLY A 214 -11.71 4.00 -4.76
N VAL A 215 -10.90 2.95 -4.77
CA VAL A 215 -10.08 2.62 -5.92
C VAL A 215 -10.14 1.11 -6.15
N GLU A 216 -9.87 0.74 -7.40
CA GLU A 216 -9.77 -0.65 -7.80
C GLU A 216 -8.40 -0.88 -8.44
N THR A 217 -7.77 -1.99 -8.09
CA THR A 217 -6.52 -2.36 -8.73
C THR A 217 -6.72 -2.52 -10.23
N VAL A 218 -5.78 -2.01 -11.01
CA VAL A 218 -5.80 -2.14 -12.47
C VAL A 218 -4.38 -2.38 -12.94
N LYS A 219 -4.26 -3.16 -14.03
CA LYS A 219 -2.98 -3.42 -14.65
C LYS A 219 -2.54 -2.21 -15.46
N ALA A 220 -1.28 -1.84 -15.34
CA ALA A 220 -0.79 -0.64 -16.00
C ALA A 220 -1.02 -0.68 -17.50
N SER A 221 -0.78 -1.83 -18.13
CA SER A 221 -0.92 -1.96 -19.58
C SER A 221 -2.37 -1.86 -20.02
N ALA A 222 -3.31 -2.03 -19.11
CA ALA A 222 -4.74 -1.95 -19.40
C ALA A 222 -5.29 -0.54 -19.30
N VAL A 223 -4.51 0.40 -18.78
CA VAL A 223 -4.96 1.78 -18.59
C VAL A 223 -4.93 2.49 -19.93
N LYS A 224 -6.08 3.01 -20.36
CA LYS A 224 -6.24 3.60 -21.68
C LYS A 224 -7.17 4.82 -21.63
N ASN A 225 -6.75 5.88 -22.32
CA ASN A 225 -7.58 7.07 -22.50
C ASN A 225 -8.06 7.66 -21.18
N THR A 226 -7.21 7.64 -20.17
CA THR A 226 -7.53 8.35 -18.94
C THR A 226 -6.32 9.17 -18.52
N GLN A 227 -6.37 9.74 -17.32
CA GLN A 227 -5.25 10.49 -16.78
C GLN A 227 -4.67 9.74 -15.60
N LYS A 228 -3.36 9.51 -15.65
CA LYS A 228 -2.60 8.90 -14.57
C LYS A 228 -1.86 10.00 -13.81
N TYR A 229 -1.78 9.82 -12.49
CA TYR A 229 -1.04 10.71 -11.62
C TYR A 229 -0.18 9.91 -10.67
N ASN A 230 1.02 10.43 -10.42
CA ASN A 230 1.89 9.90 -9.39
C ASN A 230 1.36 10.37 -8.03
N LEU A 231 1.04 9.41 -7.17
CA LEU A 231 0.33 9.71 -5.94
C LEU A 231 1.22 10.46 -4.97
N TYR A 232 2.52 10.26 -5.07
CA TYR A 232 3.47 10.90 -4.16
C TYR A 232 3.82 12.31 -4.62
N SER A 233 4.23 12.46 -5.88
CA SER A 233 4.68 13.77 -6.38
C SER A 233 3.54 14.66 -6.84
N GLY A 234 2.39 14.09 -7.17
CA GLY A 234 1.30 14.81 -7.79
C GLY A 234 1.45 15.01 -9.27
N GLU A 235 2.55 14.60 -9.87
CA GLU A 235 2.76 14.89 -11.28
C GLU A 235 1.98 13.94 -12.16
N GLU A 236 1.58 14.45 -13.32
CA GLU A 236 0.98 13.58 -14.33
C GLU A 236 2.00 12.53 -14.75
N VAL A 237 1.51 11.34 -15.04
CA VAL A 237 2.29 10.23 -15.60
C VAL A 237 1.84 10.04 -17.03
N GLU A 238 2.79 10.00 -17.96
CA GLU A 238 2.42 9.95 -19.37
C GLU A 238 1.78 8.61 -19.71
N ALA A 239 0.84 8.66 -20.65
CA ALA A 239 0.05 7.49 -21.04
C ALA A 239 0.91 6.31 -21.45
C10 5OF B . -0.71 0.82 6.11
C13 5OF B . 0.68 -1.41 6.99
C15 5OF B . 0.67 0.88 6.14
O01 5OF B . 3.21 3.12 3.46
C02 5OF B . 3.30 3.32 4.71
O03 5OF B . 3.74 4.42 5.15
C04 5OF B . 2.84 2.25 5.71
C05 5OF B . 1.31 2.11 5.71
N06 5OF B . 0.64 3.17 5.35
N07 5OF B . -0.74 3.07 5.33
C08 5OF B . -1.45 2.01 5.69
O09 5OF B . -2.68 2.06 5.68
C11 5OF B . -1.37 -0.32 6.50
C12 5OF B . -0.71 -1.44 6.93
C14 5OF B . 1.35 -0.26 6.58
#